data_2JW6
#
_entry.id   2JW6
#
loop_
_entity.id
_entity.type
_entity.pdbx_description
1 polymer 'Deformed epidermal autoregulatory factor 1 homolog'
2 non-polymer 'ZINC ION'
#
_entity_poly.entity_id   1
_entity_poly.type   'polypeptide(L)'
_entity_poly.pdbx_seq_one_letter_code
;GAMDAERKEQSCVNCGREAMSECTGCHKVNYCSTFCQRKDWKDHQHICGQSA
;
_entity_poly.pdbx_strand_id   A
#
loop_
_chem_comp.id
_chem_comp.type
_chem_comp.name
_chem_comp.formula
ZN non-polymer 'ZINC ION' 'Zn 2'
#
# COMPACT_ATOMS: atom_id res chain seq x y z
N SER A 11 -6.11 3.44 7.91
CA SER A 11 -4.89 3.03 8.57
C SER A 11 -4.28 1.93 7.73
N CYS A 12 -3.39 1.12 8.28
CA CYS A 12 -2.95 -0.04 7.54
C CYS A 12 -4.16 -0.79 7.02
N VAL A 13 -4.23 -0.90 5.71
CA VAL A 13 -5.33 -1.59 5.05
C VAL A 13 -5.14 -3.11 5.20
N ASN A 14 -4.32 -3.49 6.18
CA ASN A 14 -4.02 -4.90 6.44
C ASN A 14 -3.99 -5.22 7.95
N CYS A 15 -3.42 -4.35 8.78
CA CYS A 15 -3.27 -4.70 10.20
C CYS A 15 -3.60 -3.56 11.16
N GLY A 16 -2.60 -2.72 11.46
CA GLY A 16 -2.66 -1.90 12.65
C GLY A 16 -2.77 -0.41 12.40
N ARG A 17 -1.72 0.31 12.81
CA ARG A 17 -1.73 1.78 12.85
C ARG A 17 -1.88 2.38 11.47
N GLU A 18 -1.88 3.71 11.40
CA GLU A 18 -2.25 4.39 10.17
C GLU A 18 -1.37 4.01 8.99
N ALA A 19 -0.06 4.03 9.19
CA ALA A 19 0.90 3.77 8.12
C ALA A 19 2.30 4.22 8.50
N MET A 20 3.29 3.62 7.86
CA MET A 20 4.65 4.14 7.92
C MET A 20 4.92 4.92 6.65
N SER A 21 4.87 4.23 5.53
CA SER A 21 4.91 4.87 4.23
C SER A 21 3.63 4.58 3.45
N GLU A 22 3.50 5.24 2.32
CA GLU A 22 2.44 4.94 1.37
C GLU A 22 3.04 4.15 0.21
N CYS A 23 2.19 3.41 -0.50
CA CYS A 23 2.61 2.57 -1.63
C CYS A 23 3.68 3.25 -2.47
N THR A 24 4.91 2.74 -2.38
CA THR A 24 6.07 3.41 -2.95
C THR A 24 6.12 3.33 -4.49
N GLY A 25 4.95 3.35 -5.11
CA GLY A 25 4.86 3.46 -6.54
C GLY A 25 3.84 4.51 -6.94
N CYS A 26 3.16 5.07 -5.94
CA CYS A 26 2.10 6.05 -6.18
C CYS A 26 1.76 6.81 -4.89
N HIS A 27 1.78 6.06 -3.78
CA HIS A 27 1.41 6.53 -2.46
C HIS A 27 -0.10 6.82 -2.41
N LYS A 28 -0.87 5.98 -3.08
CA LYS A 28 -2.33 6.10 -3.07
C LYS A 28 -2.97 5.15 -2.05
N VAL A 29 -2.17 4.28 -1.46
CA VAL A 29 -2.63 3.34 -0.44
C VAL A 29 -1.55 3.26 0.63
N ASN A 30 -1.89 2.77 1.80
CA ASN A 30 -0.97 2.83 2.92
C ASN A 30 -1.13 1.65 3.84
N TYR A 31 -0.01 1.22 4.41
CA TYR A 31 0.00 0.09 5.31
C TYR A 31 0.94 0.36 6.47
N CYS A 32 0.75 -0.35 7.57
CA CYS A 32 1.52 -0.08 8.78
C CYS A 32 2.99 -0.43 8.58
N SER A 33 3.23 -1.56 7.95
CA SER A 33 4.58 -2.02 7.67
C SER A 33 4.75 -2.32 6.18
N THR A 34 5.94 -2.73 5.76
CA THR A 34 6.19 -3.00 4.35
C THR A 34 5.47 -4.25 3.84
N PHE A 35 5.46 -5.31 4.66
CA PHE A 35 4.92 -6.60 4.22
C PHE A 35 3.47 -6.48 3.80
N CYS A 36 2.70 -5.66 4.50
CA CYS A 36 1.30 -5.47 4.20
C CYS A 36 1.10 -4.99 2.76
N GLN A 37 1.94 -4.04 2.36
CA GLN A 37 1.82 -3.39 1.08
C GLN A 37 2.13 -4.39 -0.02
N ARG A 38 3.13 -5.22 0.21
CA ARG A 38 3.54 -6.22 -0.75
C ARG A 38 2.49 -7.33 -0.85
N LYS A 39 1.90 -7.67 0.28
CA LYS A 39 0.89 -8.72 0.32
C LYS A 39 -0.40 -8.31 -0.37
N ASP A 40 -0.99 -7.24 0.13
CA ASP A 40 -2.38 -6.90 -0.17
C ASP A 40 -2.54 -6.13 -1.47
N TRP A 41 -1.44 -5.60 -1.98
CA TRP A 41 -1.49 -4.82 -3.21
C TRP A 41 -1.73 -5.70 -4.44
N LYS A 42 -1.95 -7.00 -4.23
CA LYS A 42 -2.27 -7.91 -5.34
C LYS A 42 -3.40 -7.36 -6.21
N ASP A 43 -4.31 -6.62 -5.59
CA ASP A 43 -5.42 -5.98 -6.29
C ASP A 43 -5.00 -4.61 -6.82
N HIS A 44 -4.11 -3.96 -6.07
CA HIS A 44 -3.68 -2.60 -6.37
C HIS A 44 -2.63 -2.53 -7.49
N GLN A 45 -1.78 -3.55 -7.60
CA GLN A 45 -0.69 -3.58 -8.59
C GLN A 45 -1.21 -3.29 -10.00
N HIS A 46 -2.49 -3.56 -10.21
CA HIS A 46 -3.12 -3.38 -11.50
C HIS A 46 -3.37 -1.89 -11.81
N ILE A 47 -3.33 -1.05 -10.78
CA ILE A 47 -3.69 0.35 -10.96
C ILE A 47 -2.53 1.27 -10.61
N CYS A 48 -1.50 0.70 -10.01
CA CYS A 48 -0.35 1.49 -9.59
C CYS A 48 0.35 2.08 -10.81
N GLY A 49 0.76 3.30 -10.66
CA GLY A 49 1.42 4.01 -11.73
C GLY A 49 0.55 5.12 -12.28
N GLN A 50 -0.73 5.05 -11.95
CA GLN A 50 -1.70 6.04 -12.37
C GLN A 50 -2.15 6.86 -11.18
N SER A 51 -1.92 8.16 -11.24
CA SER A 51 -2.28 9.05 -10.15
C SER A 51 -3.76 9.44 -10.25
N ALA A 52 -4.63 8.47 -9.95
CA ALA A 52 -6.06 8.71 -9.96
C ALA A 52 -6.68 8.16 -8.68
ZN ZN B . 0.11 -3.70 8.30
ZN ZN C . 0.51 2.05 -5.75
N SER A 11 -6.52 2.99 7.98
CA SER A 11 -5.25 2.72 8.60
C SER A 11 -4.50 1.80 7.67
N CYS A 12 -3.58 0.99 8.17
CA CYS A 12 -3.04 -0.06 7.35
C CYS A 12 -4.17 -0.82 6.69
N VAL A 13 -4.19 -0.83 5.37
CA VAL A 13 -5.23 -1.52 4.62
C VAL A 13 -4.96 -3.04 4.64
N ASN A 14 -4.17 -3.47 5.61
CA ASN A 14 -3.78 -4.87 5.72
C ASN A 14 -3.80 -5.37 7.17
N CYS A 15 -3.29 -4.59 8.11
CA CYS A 15 -3.22 -5.05 9.50
C CYS A 15 -3.36 -3.95 10.55
N GLY A 16 -2.23 -3.35 10.94
CA GLY A 16 -2.17 -2.59 12.18
C GLY A 16 -2.67 -1.16 12.11
N ARG A 17 -1.85 -0.25 12.63
CA ARG A 17 -2.27 1.13 12.83
C ARG A 17 -2.33 1.92 11.53
N GLU A 18 -2.36 3.24 11.68
CA GLU A 18 -2.77 4.16 10.61
C GLU A 18 -1.93 3.99 9.36
N ALA A 19 -0.62 4.01 9.51
CA ALA A 19 0.30 3.96 8.37
C ALA A 19 1.73 4.23 8.80
N MET A 20 2.66 3.69 8.04
CA MET A 20 4.06 4.04 8.17
C MET A 20 4.46 4.82 6.92
N SER A 21 4.56 4.12 5.81
CA SER A 21 4.73 4.75 4.51
C SER A 21 3.56 4.42 3.61
N GLU A 22 3.53 5.09 2.48
CA GLU A 22 2.58 4.78 1.42
C GLU A 22 3.25 3.88 0.39
N CYS A 23 2.45 3.10 -0.32
CA CYS A 23 2.94 2.21 -1.39
C CYS A 23 4.03 2.90 -2.22
N THR A 24 5.26 2.41 -2.10
CA THR A 24 6.42 3.05 -2.71
C THR A 24 6.44 2.88 -4.24
N GLY A 25 5.27 2.66 -4.82
CA GLY A 25 5.14 2.68 -6.25
C GLY A 25 4.24 3.81 -6.71
N CYS A 26 3.51 4.40 -5.76
CA CYS A 26 2.54 5.44 -6.09
C CYS A 26 2.21 6.30 -4.86
N HIS A 27 2.12 5.63 -3.72
CA HIS A 27 1.73 6.22 -2.44
C HIS A 27 0.23 6.55 -2.41
N LYS A 28 -0.53 5.85 -3.26
CA LYS A 28 -1.99 6.04 -3.33
C LYS A 28 -2.70 5.28 -2.20
N VAL A 29 -1.95 4.47 -1.47
CA VAL A 29 -2.49 3.65 -0.40
C VAL A 29 -1.49 3.63 0.74
N ASN A 30 -1.92 3.24 1.92
CA ASN A 30 -1.07 3.33 3.09
C ASN A 30 -1.18 2.07 3.93
N TYR A 31 -0.06 1.68 4.51
CA TYR A 31 0.02 0.44 5.26
C TYR A 31 0.87 0.64 6.52
N CYS A 32 0.71 -0.24 7.49
CA CYS A 32 1.42 -0.11 8.75
C CYS A 32 2.87 -0.52 8.60
N SER A 33 3.11 -1.55 7.79
CA SER A 33 4.46 -1.97 7.47
C SER A 33 4.66 -2.06 5.95
N THR A 34 5.87 -2.43 5.53
CA THR A 34 6.19 -2.61 4.13
C THR A 34 5.54 -3.88 3.57
N PHE A 35 5.47 -4.94 4.38
CA PHE A 35 4.95 -6.22 3.90
C PHE A 35 3.49 -6.08 3.50
N CYS A 36 2.76 -5.24 4.20
CA CYS A 36 1.37 -4.96 3.88
C CYS A 36 1.24 -4.44 2.46
N GLN A 37 2.16 -3.56 2.11
CA GLN A 37 2.15 -2.86 0.84
C GLN A 37 2.20 -3.86 -0.29
N ARG A 38 3.15 -4.75 -0.17
CA ARG A 38 3.42 -5.73 -1.21
C ARG A 38 2.43 -6.90 -1.21
N LYS A 39 1.88 -7.21 -0.04
CA LYS A 39 0.88 -8.28 0.06
C LYS A 39 -0.43 -7.87 -0.56
N ASP A 40 -1.01 -6.78 -0.04
CA ASP A 40 -2.31 -6.29 -0.50
C ASP A 40 -2.29 -5.97 -1.97
N TRP A 41 -1.11 -5.64 -2.45
CA TRP A 41 -0.94 -5.10 -3.77
C TRP A 41 -1.30 -6.11 -4.87
N LYS A 42 -1.53 -7.38 -4.52
CA LYS A 42 -1.96 -8.34 -5.52
C LYS A 42 -3.33 -7.95 -6.07
N ASP A 43 -3.99 -7.07 -5.35
CA ASP A 43 -5.19 -6.39 -5.85
C ASP A 43 -4.83 -4.98 -6.29
N HIS A 44 -4.02 -4.33 -5.47
CA HIS A 44 -3.59 -2.95 -5.70
C HIS A 44 -2.76 -2.76 -7.00
N GLN A 45 -2.05 -3.79 -7.44
CA GLN A 45 -1.20 -3.72 -8.65
C GLN A 45 -1.97 -3.14 -9.83
N HIS A 46 -3.27 -3.40 -9.85
CA HIS A 46 -4.13 -2.97 -10.95
C HIS A 46 -4.36 -1.46 -10.91
N ILE A 47 -4.07 -0.83 -9.78
CA ILE A 47 -4.34 0.58 -9.62
C ILE A 47 -3.05 1.34 -9.35
N CYS A 48 -1.95 0.61 -9.31
CA CYS A 48 -0.64 1.22 -9.16
C CYS A 48 -0.14 1.67 -10.51
N GLY A 49 0.64 2.72 -10.50
CA GLY A 49 1.25 3.24 -11.71
C GLY A 49 0.32 4.16 -12.46
N GLN A 50 -0.92 3.72 -12.61
CA GLN A 50 -1.94 4.52 -13.26
C GLN A 50 -2.40 5.63 -12.32
N SER A 51 -1.76 6.77 -12.43
CA SER A 51 -2.04 7.90 -11.56
C SER A 51 -1.85 9.21 -12.31
N ALA A 52 -2.27 10.31 -11.71
CA ALA A 52 -2.09 11.61 -12.32
C ALA A 52 -0.98 12.38 -11.60
ZN ZN B . 0.07 -3.69 7.98
ZN ZN C . 0.79 1.60 -5.50
N SER A 11 -6.14 3.02 7.93
CA SER A 11 -4.79 2.88 8.44
C SER A 11 -4.07 1.85 7.59
N CYS A 12 -3.47 0.85 8.22
CA CYS A 12 -2.96 -0.28 7.48
C CYS A 12 -4.15 -1.00 6.87
N VAL A 13 -4.31 -0.85 5.57
CA VAL A 13 -5.42 -1.46 4.84
C VAL A 13 -5.25 -2.98 4.79
N ASN A 14 -4.25 -3.49 5.51
CA ASN A 14 -3.97 -4.91 5.54
C ASN A 14 -4.05 -5.48 6.96
N CYS A 15 -3.47 -4.80 7.95
CA CYS A 15 -3.34 -5.44 9.25
C CYS A 15 -3.38 -4.48 10.46
N GLY A 16 -2.61 -3.39 10.43
CA GLY A 16 -2.34 -2.67 11.67
C GLY A 16 -2.55 -1.16 11.61
N ARG A 17 -1.50 -0.41 11.94
CA ARG A 17 -1.61 1.03 12.19
C ARG A 17 -1.51 1.87 10.91
N GLU A 18 -1.51 3.19 11.09
CA GLU A 18 -1.82 4.14 10.02
C GLU A 18 -0.70 4.35 9.00
N ALA A 19 0.26 3.43 8.94
CA ALA A 19 1.32 3.45 7.92
C ALA A 19 2.32 4.58 8.12
N MET A 20 3.60 4.23 8.00
CA MET A 20 4.68 5.20 8.14
C MET A 20 4.91 5.92 6.82
N SER A 21 4.95 5.13 5.76
CA SER A 21 5.00 5.67 4.41
C SER A 21 3.78 5.24 3.62
N GLU A 22 3.64 5.82 2.45
CA GLU A 22 2.61 5.44 1.52
C GLU A 22 3.25 4.65 0.39
N CYS A 23 2.50 3.72 -0.21
CA CYS A 23 3.00 2.80 -1.23
C CYS A 23 3.97 3.50 -2.18
N THR A 24 5.23 3.09 -2.14
CA THR A 24 6.30 3.81 -2.84
C THR A 24 6.13 3.83 -4.35
N GLY A 25 5.11 3.15 -4.85
CA GLY A 25 4.85 3.15 -6.28
C GLY A 25 3.86 4.24 -6.68
N CYS A 26 3.24 4.88 -5.70
CA CYS A 26 2.20 5.87 -5.99
C CYS A 26 1.88 6.75 -4.76
N HIS A 27 1.90 6.12 -3.60
CA HIS A 27 1.48 6.70 -2.31
C HIS A 27 -0.01 7.00 -2.33
N LYS A 28 -0.76 6.20 -3.09
CA LYS A 28 -2.21 6.33 -3.18
C LYS A 28 -2.91 5.45 -2.15
N VAL A 29 -2.14 4.58 -1.50
CA VAL A 29 -2.65 3.67 -0.49
C VAL A 29 -1.61 3.57 0.62
N ASN A 30 -1.97 2.95 1.74
CA ASN A 30 -1.06 2.89 2.87
C ASN A 30 -1.25 1.61 3.66
N TYR A 31 -0.12 1.05 4.09
CA TYR A 31 -0.13 -0.13 4.93
C TYR A 31 0.96 0.03 5.98
N CYS A 32 0.70 -0.45 7.19
CA CYS A 32 1.54 -0.06 8.33
C CYS A 32 3.00 -0.46 8.12
N SER A 33 3.21 -1.65 7.58
CA SER A 33 4.55 -2.15 7.34
C SER A 33 4.73 -2.53 5.87
N THR A 34 5.94 -2.92 5.49
CA THR A 34 6.22 -3.25 4.10
C THR A 34 5.47 -4.49 3.64
N PHE A 35 5.42 -5.51 4.50
CA PHE A 35 4.80 -6.77 4.13
C PHE A 35 3.32 -6.58 3.83
N CYS A 36 2.67 -5.72 4.60
CA CYS A 36 1.26 -5.41 4.42
C CYS A 36 1.01 -4.90 3.01
N GLN A 37 1.92 -4.06 2.52
CA GLN A 37 1.79 -3.47 1.20
C GLN A 37 1.92 -4.52 0.12
N ARG A 38 2.97 -5.31 0.24
CA ARG A 38 3.34 -6.27 -0.78
C ARG A 38 2.39 -7.47 -0.80
N LYS A 39 1.80 -7.78 0.35
CA LYS A 39 0.84 -8.88 0.44
C LYS A 39 -0.50 -8.50 -0.16
N ASP A 40 -1.04 -7.36 0.28
CA ASP A 40 -2.41 -6.98 -0.04
C ASP A 40 -2.55 -6.45 -1.45
N TRP A 41 -1.51 -5.79 -1.93
CA TRP A 41 -1.57 -5.02 -3.16
C TRP A 41 -1.78 -5.90 -4.40
N LYS A 42 -2.02 -7.18 -4.22
CA LYS A 42 -2.33 -8.09 -5.32
C LYS A 42 -3.50 -7.56 -6.17
N ASP A 43 -4.32 -6.69 -5.58
CA ASP A 43 -5.38 -5.99 -6.32
C ASP A 43 -4.93 -4.58 -6.68
N HIS A 44 -4.01 -4.06 -5.90
CA HIS A 44 -3.50 -2.71 -6.08
C HIS A 44 -2.47 -2.64 -7.23
N GLN A 45 -1.76 -3.74 -7.46
CA GLN A 45 -0.80 -3.84 -8.55
C GLN A 45 -1.44 -3.49 -9.89
N HIS A 46 -2.76 -3.64 -9.95
CA HIS A 46 -3.52 -3.37 -11.17
C HIS A 46 -3.71 -1.87 -11.37
N ILE A 47 -3.58 -1.09 -10.31
CA ILE A 47 -3.91 0.33 -10.38
C ILE A 47 -2.68 1.17 -10.06
N CYS A 48 -1.69 0.55 -9.43
CA CYS A 48 -0.44 1.22 -9.16
C CYS A 48 0.30 1.44 -10.47
N GLY A 49 1.07 2.50 -10.50
CA GLY A 49 1.86 2.84 -11.66
C GLY A 49 3.21 2.16 -11.65
N GLN A 50 3.86 2.13 -10.49
CA GLN A 50 5.18 1.52 -10.37
C GLN A 50 5.08 0.09 -9.87
N SER A 51 4.55 -0.79 -10.71
CA SER A 51 4.45 -2.19 -10.38
C SER A 51 5.81 -2.87 -10.52
N ALA A 52 6.68 -2.66 -9.54
CA ALA A 52 8.01 -3.23 -9.53
C ALA A 52 8.44 -3.58 -8.12
ZN ZN B . 0.20 -3.78 8.62
ZN ZN C . 0.70 1.93 -5.18
N SER A 11 -5.89 3.39 9.61
CA SER A 11 -4.55 2.90 9.80
C SER A 11 -4.15 2.06 8.60
N CYS A 12 -3.22 1.13 8.79
CA CYS A 12 -2.92 0.15 7.78
C CYS A 12 -4.21 -0.44 7.22
N VAL A 13 -4.32 -0.49 5.90
CA VAL A 13 -5.49 -1.07 5.24
C VAL A 13 -5.44 -2.60 5.34
N ASN A 14 -4.69 -3.08 6.32
CA ASN A 14 -4.51 -4.51 6.52
C ASN A 14 -4.36 -4.86 8.01
N CYS A 15 -3.78 -3.97 8.82
CA CYS A 15 -3.54 -4.26 10.23
C CYS A 15 -3.80 -3.05 11.13
N GLY A 16 -2.73 -2.30 11.41
CA GLY A 16 -2.80 -1.20 12.36
C GLY A 16 -1.85 -0.08 12.01
N ARG A 17 -1.63 0.86 12.94
CA ARG A 17 -0.65 1.95 12.75
C ARG A 17 -1.11 2.89 11.62
N GLU A 18 -0.95 4.19 11.81
CA GLU A 18 -1.38 5.16 10.79
C GLU A 18 -0.39 5.19 9.61
N ALA A 19 0.40 4.13 9.49
CA ALA A 19 1.32 3.93 8.36
C ALA A 19 2.58 4.78 8.49
N MET A 20 3.68 4.25 7.99
CA MET A 20 4.95 4.96 8.00
C MET A 20 5.19 5.56 6.62
N SER A 21 5.20 4.70 5.62
CA SER A 21 5.23 5.16 4.24
C SER A 21 3.97 4.72 3.51
N GLU A 22 3.82 5.22 2.31
CA GLU A 22 2.71 4.87 1.46
C GLU A 22 3.19 3.94 0.34
N CYS A 23 2.26 3.24 -0.30
CA CYS A 23 2.57 2.39 -1.45
C CYS A 23 3.53 3.13 -2.38
N THR A 24 4.79 2.70 -2.41
CA THR A 24 5.86 3.52 -2.98
C THR A 24 5.73 3.73 -4.50
N GLY A 25 4.72 3.13 -5.10
CA GLY A 25 4.48 3.34 -6.52
C GLY A 25 3.49 4.44 -6.80
N CYS A 26 2.77 4.89 -5.76
CA CYS A 26 1.71 5.86 -5.94
C CYS A 26 1.48 6.68 -4.66
N HIS A 27 1.51 5.97 -3.54
CA HIS A 27 1.26 6.52 -2.21
C HIS A 27 -0.20 6.92 -2.07
N LYS A 28 -1.05 6.27 -2.87
CA LYS A 28 -2.50 6.49 -2.81
C LYS A 28 -3.14 5.57 -1.77
N VAL A 29 -2.33 4.72 -1.15
CA VAL A 29 -2.77 3.78 -0.12
C VAL A 29 -1.62 3.61 0.86
N ASN A 30 -1.88 3.04 2.01
CA ASN A 30 -0.86 2.98 3.04
C ASN A 30 -1.04 1.77 3.94
N TYR A 31 0.07 1.30 4.47
CA TYR A 31 0.09 0.11 5.30
C TYR A 31 1.04 0.29 6.48
N CYS A 32 0.80 -0.40 7.58
CA CYS A 32 1.60 -0.25 8.78
C CYS A 32 3.07 -0.55 8.47
N SER A 33 3.31 -1.69 7.86
CA SER A 33 4.66 -2.12 7.50
C SER A 33 4.71 -2.48 6.01
N THR A 34 5.86 -2.97 5.57
CA THR A 34 6.07 -3.31 4.16
C THR A 34 5.25 -4.53 3.71
N PHE A 35 5.14 -5.54 4.58
CA PHE A 35 4.56 -6.82 4.18
C PHE A 35 3.14 -6.67 3.63
N CYS A 36 2.33 -5.86 4.29
CA CYS A 36 0.95 -5.63 3.88
C CYS A 36 0.89 -5.02 2.49
N GLN A 37 1.85 -4.15 2.22
CA GLN A 37 1.89 -3.43 0.97
C GLN A 37 2.14 -4.39 -0.17
N ARG A 38 3.09 -5.28 0.04
CA ARG A 38 3.45 -6.26 -0.98
C ARG A 38 2.42 -7.39 -1.08
N LYS A 39 1.93 -7.85 0.06
CA LYS A 39 1.03 -9.01 0.10
C LYS A 39 -0.35 -8.68 -0.45
N ASP A 40 -0.89 -7.53 -0.07
CA ASP A 40 -2.27 -7.18 -0.39
C ASP A 40 -2.40 -6.51 -1.75
N TRP A 41 -1.32 -5.92 -2.23
CA TRP A 41 -1.37 -5.13 -3.45
C TRP A 41 -1.51 -6.00 -4.71
N LYS A 42 -1.67 -7.30 -4.54
CA LYS A 42 -1.82 -8.20 -5.67
C LYS A 42 -2.96 -7.77 -6.59
N ASP A 43 -3.92 -7.03 -6.02
CA ASP A 43 -5.01 -6.45 -6.80
C ASP A 43 -4.69 -5.02 -7.19
N HIS A 44 -3.94 -4.34 -6.33
CA HIS A 44 -3.60 -2.93 -6.51
C HIS A 44 -2.49 -2.75 -7.55
N GLN A 45 -1.61 -3.74 -7.69
CA GLN A 45 -0.50 -3.69 -8.67
C GLN A 45 -0.99 -3.32 -10.06
N HIS A 46 -2.26 -3.61 -10.31
CA HIS A 46 -2.88 -3.37 -11.60
C HIS A 46 -3.21 -1.90 -11.79
N ILE A 47 -3.27 -1.14 -10.70
CA ILE A 47 -3.75 0.23 -10.76
C ILE A 47 -2.67 1.19 -10.29
N CYS A 48 -1.57 0.64 -9.80
CA CYS A 48 -0.49 1.47 -9.29
C CYS A 48 0.22 2.15 -10.44
N GLY A 49 0.61 3.38 -10.20
CA GLY A 49 1.40 4.13 -11.15
C GLY A 49 2.88 3.95 -10.92
N GLN A 50 3.28 2.73 -10.59
CA GLN A 50 4.67 2.43 -10.28
C GLN A 50 5.50 2.30 -11.57
N SER A 51 5.70 3.41 -12.23
CA SER A 51 6.56 3.47 -13.40
C SER A 51 7.92 4.07 -13.01
N ALA A 52 7.99 4.56 -11.78
CA ALA A 52 9.22 5.13 -11.24
C ALA A 52 9.20 5.07 -9.73
ZN ZN B . -0.07 -3.78 8.04
ZN ZN C . 0.28 1.85 -5.41
N SER A 11 -5.59 4.00 8.51
CA SER A 11 -4.39 3.40 9.03
C SER A 11 -3.92 2.36 8.04
N CYS A 12 -3.31 1.29 8.53
CA CYS A 12 -3.00 0.19 7.64
C CYS A 12 -4.30 -0.37 7.10
N VAL A 13 -4.43 -0.37 5.78
CA VAL A 13 -5.60 -0.93 5.12
C VAL A 13 -5.53 -2.47 5.20
N ASN A 14 -4.73 -2.96 6.14
CA ASN A 14 -4.46 -4.39 6.22
C ASN A 14 -4.35 -4.88 7.68
N CYS A 15 -3.75 -4.10 8.56
CA CYS A 15 -3.56 -4.57 9.94
C CYS A 15 -3.89 -3.50 10.97
N GLY A 16 -2.96 -2.57 11.19
CA GLY A 16 -3.04 -1.71 12.37
C GLY A 16 -2.61 -0.29 12.15
N ARG A 17 -1.33 -0.05 12.45
CA ARG A 17 -0.76 1.30 12.56
C ARG A 17 -1.04 2.16 11.35
N GLU A 18 -0.92 3.47 11.56
CA GLU A 18 -1.29 4.48 10.55
C GLU A 18 -0.30 4.56 9.40
N ALA A 19 0.51 3.50 9.27
CA ALA A 19 1.48 3.36 8.19
C ALA A 19 2.68 4.28 8.41
N MET A 20 3.81 3.90 7.82
CA MET A 20 5.00 4.71 7.87
C MET A 20 5.02 5.59 6.63
N SER A 21 5.10 4.93 5.49
CA SER A 21 4.96 5.59 4.22
C SER A 21 3.74 5.07 3.48
N GLU A 22 3.42 5.71 2.38
CA GLU A 22 2.37 5.23 1.50
C GLU A 22 2.98 4.28 0.48
N CYS A 23 2.12 3.46 -0.13
CA CYS A 23 2.54 2.50 -1.16
C CYS A 23 3.58 3.10 -2.08
N THR A 24 4.83 2.66 -1.94
CA THR A 24 5.97 3.33 -2.57
C THR A 24 5.86 3.41 -4.09
N GLY A 25 4.97 2.62 -4.67
CA GLY A 25 4.79 2.65 -6.11
C GLY A 25 3.87 3.78 -6.58
N CYS A 26 3.19 4.44 -5.65
CA CYS A 26 2.19 5.44 -6.03
C CYS A 26 1.85 6.40 -4.88
N HIS A 27 1.75 5.82 -3.69
CA HIS A 27 1.32 6.51 -2.47
C HIS A 27 -0.16 6.83 -2.53
N LYS A 28 -0.90 5.97 -3.21
CA LYS A 28 -2.36 6.09 -3.29
C LYS A 28 -3.03 5.33 -2.14
N VAL A 29 -2.24 4.55 -1.40
CA VAL A 29 -2.73 3.74 -0.29
C VAL A 29 -1.62 3.66 0.76
N ASN A 30 -1.87 2.99 1.87
CA ASN A 30 -0.87 2.91 2.94
C ASN A 30 -1.09 1.69 3.80
N TYR A 31 0.02 1.17 4.33
CA TYR A 31 0.01 -0.02 5.16
C TYR A 31 0.96 0.17 6.34
N CYS A 32 0.61 -0.37 7.50
CA CYS A 32 1.36 -0.15 8.73
C CYS A 32 2.86 -0.40 8.52
N SER A 33 3.17 -1.52 7.90
CA SER A 33 4.53 -1.87 7.54
C SER A 33 4.64 -2.21 6.06
N THR A 34 5.83 -2.57 5.61
CA THR A 34 6.06 -2.89 4.20
C THR A 34 5.35 -4.17 3.75
N PHE A 35 5.32 -5.18 4.63
CA PHE A 35 4.84 -6.51 4.23
C PHE A 35 3.41 -6.48 3.70
N CYS A 36 2.56 -5.69 4.33
CA CYS A 36 1.16 -5.62 3.93
C CYS A 36 1.00 -5.07 2.53
N GLN A 37 1.92 -4.18 2.15
CA GLN A 37 1.82 -3.48 0.89
C GLN A 37 2.02 -4.46 -0.25
N ARG A 38 3.14 -5.14 -0.20
CA ARG A 38 3.55 -6.02 -1.27
C ARG A 38 2.73 -7.31 -1.28
N LYS A 39 2.22 -7.70 -0.13
CA LYS A 39 1.45 -8.92 0.00
C LYS A 39 0.03 -8.74 -0.51
N ASP A 40 -0.56 -7.60 -0.17
CA ASP A 40 -1.97 -7.33 -0.47
C ASP A 40 -2.18 -6.83 -1.88
N TRP A 41 -1.17 -6.14 -2.38
CA TRP A 41 -1.30 -5.33 -3.58
C TRP A 41 -1.54 -6.14 -4.86
N LYS A 42 -1.71 -7.44 -4.77
CA LYS A 42 -2.03 -8.25 -5.95
C LYS A 42 -3.31 -7.77 -6.63
N ASP A 43 -4.11 -7.05 -5.87
CA ASP A 43 -5.30 -6.39 -6.41
C ASP A 43 -5.01 -4.93 -6.73
N HIS A 44 -4.00 -4.40 -6.06
CA HIS A 44 -3.60 -3.01 -6.19
C HIS A 44 -2.61 -2.78 -7.35
N GLN A 45 -1.77 -3.76 -7.65
CA GLN A 45 -0.78 -3.71 -8.75
C GLN A 45 -1.39 -3.15 -10.04
N HIS A 46 -2.70 -3.28 -10.17
CA HIS A 46 -3.43 -2.84 -11.35
C HIS A 46 -3.66 -1.33 -11.31
N ILE A 47 -3.59 -0.75 -10.12
CA ILE A 47 -3.93 0.66 -9.94
C ILE A 47 -2.74 1.44 -9.39
N CYS A 48 -1.58 0.81 -9.35
CA CYS A 48 -0.40 1.47 -8.85
C CYS A 48 0.22 2.31 -9.96
N GLY A 49 0.30 3.60 -9.71
CA GLY A 49 0.84 4.53 -10.69
C GLY A 49 -0.19 4.90 -11.73
N GLN A 50 -0.86 3.89 -12.24
CA GLN A 50 -1.91 4.06 -13.23
C GLN A 50 -3.23 4.33 -12.51
N SER A 51 -4.10 5.09 -13.14
CA SER A 51 -5.39 5.41 -12.53
C SER A 51 -6.53 4.84 -13.37
N ALA A 52 -6.41 4.96 -14.69
CA ALA A 52 -7.41 4.44 -15.60
C ALA A 52 -6.85 4.37 -17.01
ZN ZN B . -0.10 -3.68 8.00
ZN ZN C . 0.53 1.59 -5.22
N SER A 11 -5.62 2.82 10.45
CA SER A 11 -4.18 2.89 10.61
C SER A 11 -3.52 2.18 9.43
N CYS A 12 -3.28 0.89 9.60
CA CYS A 12 -2.94 0.04 8.49
C CYS A 12 -4.23 -0.48 7.88
N VAL A 13 -4.22 -0.69 6.57
CA VAL A 13 -5.39 -1.22 5.89
C VAL A 13 -5.37 -2.76 5.95
N ASN A 14 -4.44 -3.30 6.75
CA ASN A 14 -4.35 -4.75 6.94
C ASN A 14 -3.98 -5.15 8.38
N CYS A 15 -3.20 -4.33 9.10
CA CYS A 15 -2.77 -4.74 10.45
C CYS A 15 -2.79 -3.61 11.47
N GLY A 16 -1.62 -3.02 11.74
CA GLY A 16 -1.45 -2.21 12.93
C GLY A 16 -1.17 -0.75 12.67
N ARG A 17 0.12 -0.39 12.76
CA ARG A 17 0.62 1.00 12.67
C ARG A 17 -0.15 1.87 11.68
N GLU A 18 -0.17 3.16 11.97
CA GLU A 18 -0.92 4.16 11.20
C GLU A 18 -0.36 4.38 9.79
N ALA A 19 0.39 3.40 9.30
CA ALA A 19 1.11 3.48 8.03
C ALA A 19 2.27 4.47 8.11
N MET A 20 3.47 3.96 7.86
CA MET A 20 4.67 4.79 7.93
C MET A 20 4.86 5.49 6.61
N SER A 21 5.03 4.69 5.57
CA SER A 21 5.07 5.22 4.22
C SER A 21 3.93 4.66 3.39
N GLU A 22 3.56 5.41 2.38
CA GLU A 22 2.55 4.97 1.45
C GLU A 22 3.20 4.22 0.29
N CYS A 23 2.43 3.31 -0.31
CA CYS A 23 2.88 2.43 -1.40
C CYS A 23 3.81 3.15 -2.37
N THR A 24 5.10 2.82 -2.29
CA THR A 24 6.17 3.56 -2.96
C THR A 24 5.90 3.88 -4.43
N GLY A 25 5.16 3.02 -5.12
CA GLY A 25 4.92 3.22 -6.53
C GLY A 25 3.85 4.28 -6.82
N CYS A 26 3.19 4.77 -5.78
CA CYS A 26 2.09 5.72 -5.97
C CYS A 26 1.83 6.55 -4.72
N HIS A 27 1.75 5.85 -3.59
CA HIS A 27 1.37 6.40 -2.28
C HIS A 27 -0.12 6.71 -2.27
N LYS A 28 -0.88 5.89 -2.98
CA LYS A 28 -2.35 6.02 -3.03
C LYS A 28 -3.02 5.03 -2.07
N VAL A 29 -2.22 4.22 -1.39
CA VAL A 29 -2.70 3.32 -0.35
C VAL A 29 -1.69 3.37 0.79
N ASN A 30 -2.07 2.87 1.95
CA ASN A 30 -1.20 2.98 3.11
C ASN A 30 -1.40 1.85 4.09
N TYR A 31 -0.33 1.11 4.31
CA TYR A 31 -0.33 0.01 5.25
C TYR A 31 0.76 0.24 6.29
N CYS A 32 0.62 -0.37 7.47
CA CYS A 32 1.55 -0.11 8.57
C CYS A 32 3.00 -0.31 8.12
N SER A 33 3.24 -1.43 7.47
CA SER A 33 4.58 -1.78 7.02
C SER A 33 4.59 -2.09 5.53
N THR A 34 5.76 -2.46 5.02
CA THR A 34 5.90 -2.79 3.61
C THR A 34 5.21 -4.12 3.27
N PHE A 35 5.32 -5.10 4.17
CA PHE A 35 4.88 -6.46 3.87
C PHE A 35 3.41 -6.53 3.49
N CYS A 36 2.53 -5.92 4.27
CA CYS A 36 1.12 -6.01 4.03
C CYS A 36 0.72 -5.23 2.79
N GLN A 37 1.41 -4.11 2.57
CA GLN A 37 1.11 -3.24 1.47
C GLN A 37 1.47 -3.94 0.16
N ARG A 38 2.56 -4.70 0.20
CA ARG A 38 2.99 -5.49 -0.93
C ARG A 38 2.19 -6.79 -1.09
N LYS A 39 1.78 -7.39 0.02
CA LYS A 39 1.04 -8.66 -0.04
C LYS A 39 -0.38 -8.45 -0.57
N ASP A 40 -1.05 -7.43 -0.05
CA ASP A 40 -2.44 -7.16 -0.38
C ASP A 40 -2.59 -6.41 -1.70
N TRP A 41 -1.47 -5.95 -2.24
CA TRP A 41 -1.47 -5.14 -3.46
C TRP A 41 -1.76 -6.00 -4.70
N LYS A 42 -2.05 -7.28 -4.50
CA LYS A 42 -2.32 -8.20 -5.62
C LYS A 42 -3.40 -7.64 -6.55
N ASP A 43 -4.31 -6.84 -6.00
CA ASP A 43 -5.33 -6.16 -6.81
C ASP A 43 -4.86 -4.76 -7.20
N HIS A 44 -3.93 -4.24 -6.42
CA HIS A 44 -3.47 -2.86 -6.55
C HIS A 44 -2.33 -2.74 -7.58
N GLN A 45 -1.56 -3.81 -7.77
CA GLN A 45 -0.46 -3.82 -8.75
C GLN A 45 -0.95 -3.40 -10.13
N HIS A 46 -2.24 -3.57 -10.33
CA HIS A 46 -2.89 -3.25 -11.59
C HIS A 46 -3.09 -1.74 -11.75
N ILE A 47 -2.98 -0.99 -10.65
CA ILE A 47 -3.28 0.43 -10.67
C ILE A 47 -2.07 1.25 -10.23
N CYS A 48 -1.05 0.58 -9.70
CA CYS A 48 0.14 1.28 -9.28
C CYS A 48 0.89 1.81 -10.49
N GLY A 49 1.39 3.01 -10.35
CA GLY A 49 2.12 3.67 -11.42
C GLY A 49 1.21 4.53 -12.28
N GLN A 50 -0.08 4.45 -12.02
CA GLN A 50 -1.06 5.20 -12.79
C GLN A 50 -1.50 6.44 -12.01
N SER A 51 -1.94 7.44 -12.75
CA SER A 51 -2.42 8.70 -12.16
C SER A 51 -1.33 9.36 -11.32
N ALA A 52 -0.10 9.30 -11.80
CA ALA A 52 1.02 9.88 -11.10
C ALA A 52 1.73 10.91 -11.99
ZN ZN B . 0.13 -3.67 7.99
ZN ZN C . 0.75 1.65 -5.35
N SER A 11 -5.63 3.60 8.73
CA SER A 11 -4.23 3.52 9.12
C SER A 11 -3.53 2.52 8.23
N CYS A 12 -3.23 1.34 8.73
CA CYS A 12 -2.88 0.26 7.85
C CYS A 12 -4.16 -0.33 7.31
N VAL A 13 -4.30 -0.32 5.99
CA VAL A 13 -5.47 -0.91 5.34
C VAL A 13 -5.44 -2.44 5.51
N ASN A 14 -4.36 -2.94 6.11
CA ASN A 14 -4.19 -4.37 6.31
C ASN A 14 -4.24 -4.74 7.80
N CYS A 15 -3.54 -3.98 8.65
CA CYS A 15 -3.42 -4.37 10.06
C CYS A 15 -3.68 -3.22 11.04
N GLY A 16 -2.67 -2.40 11.27
CA GLY A 16 -2.70 -1.48 12.39
C GLY A 16 -2.13 -0.11 12.11
N ARG A 17 -0.89 0.08 12.59
CA ARG A 17 -0.19 1.37 12.58
C ARG A 17 -0.50 2.22 11.33
N GLU A 18 -0.60 3.53 11.52
CA GLU A 18 -1.09 4.46 10.49
C GLU A 18 -0.14 4.62 9.30
N ALA A 19 0.75 3.65 9.12
CA ALA A 19 1.71 3.60 8.01
C ALA A 19 2.83 4.62 8.19
N MET A 20 4.03 4.19 7.89
CA MET A 20 5.18 5.06 7.95
C MET A 20 5.35 5.74 6.60
N SER A 21 5.31 4.93 5.55
CA SER A 21 5.20 5.44 4.20
C SER A 21 3.91 4.94 3.56
N GLU A 22 3.48 5.63 2.51
CA GLU A 22 2.38 5.16 1.68
C GLU A 22 2.95 4.27 0.60
N CYS A 23 2.10 3.43 -0.01
CA CYS A 23 2.52 2.46 -1.02
C CYS A 23 3.55 3.06 -1.97
N THR A 24 4.77 2.56 -1.89
CA THR A 24 5.93 3.20 -2.50
C THR A 24 5.87 3.29 -4.03
N GLY A 25 4.80 2.78 -4.62
CA GLY A 25 4.66 2.87 -6.06
C GLY A 25 3.68 3.96 -6.48
N CYS A 26 2.91 4.47 -5.53
CA CYS A 26 1.85 5.42 -5.84
C CYS A 26 1.57 6.36 -4.66
N HIS A 27 1.60 5.78 -3.46
CA HIS A 27 1.20 6.45 -2.23
C HIS A 27 -0.27 6.86 -2.32
N LYS A 28 -1.06 5.99 -2.95
CA LYS A 28 -2.51 6.17 -3.00
C LYS A 28 -3.18 5.46 -1.84
N VAL A 29 -2.42 4.61 -1.16
CA VAL A 29 -2.92 3.80 -0.04
C VAL A 29 -1.76 3.65 0.94
N ASN A 30 -2.04 3.24 2.16
CA ASN A 30 -1.00 3.17 3.18
C ASN A 30 -1.15 1.93 4.04
N TYR A 31 -0.01 1.40 4.48
CA TYR A 31 0.03 0.18 5.27
C TYR A 31 1.07 0.27 6.37
N CYS A 32 0.77 -0.27 7.54
CA CYS A 32 1.62 -0.12 8.71
C CYS A 32 3.06 -0.53 8.38
N SER A 33 3.19 -1.65 7.70
CA SER A 33 4.49 -2.22 7.35
C SER A 33 4.62 -2.44 5.84
N THR A 34 5.75 -2.96 5.42
CA THR A 34 5.99 -3.23 4.00
C THR A 34 5.18 -4.42 3.49
N PHE A 35 5.11 -5.50 4.28
CA PHE A 35 4.47 -6.73 3.83
C PHE A 35 3.01 -6.50 3.45
N CYS A 36 2.33 -5.62 4.17
CA CYS A 36 0.93 -5.30 3.89
C CYS A 36 0.79 -4.72 2.49
N GLN A 37 1.73 -3.85 2.13
CA GLN A 37 1.70 -3.18 0.85
C GLN A 37 1.85 -4.21 -0.26
N ARG A 38 2.74 -5.17 -0.03
CA ARG A 38 3.04 -6.19 -1.02
C ARG A 38 1.92 -7.22 -1.15
N LYS A 39 1.42 -7.69 -0.01
CA LYS A 39 0.35 -8.70 0.01
C LYS A 39 -0.87 -8.24 -0.78
N ASP A 40 -1.33 -7.04 -0.45
CA ASP A 40 -2.50 -6.46 -1.10
C ASP A 40 -2.26 -6.20 -2.56
N TRP A 41 -1.03 -5.85 -2.87
CA TRP A 41 -0.70 -5.30 -4.15
C TRP A 41 -0.84 -6.34 -5.27
N LYS A 42 -1.04 -7.60 -4.92
CA LYS A 42 -1.28 -8.61 -5.95
C LYS A 42 -2.53 -8.23 -6.74
N ASP A 43 -3.41 -7.50 -6.07
CA ASP A 43 -4.58 -6.91 -6.70
C ASP A 43 -4.31 -5.45 -7.00
N HIS A 44 -3.67 -4.78 -6.05
CA HIS A 44 -3.38 -3.35 -6.15
C HIS A 44 -2.43 -3.01 -7.32
N GLN A 45 -1.56 -3.95 -7.70
CA GLN A 45 -0.61 -3.74 -8.83
C GLN A 45 -1.30 -3.20 -10.06
N HIS A 46 -2.58 -3.51 -10.21
CA HIS A 46 -3.36 -3.09 -11.36
C HIS A 46 -3.69 -1.60 -11.28
N ILE A 47 -3.55 -1.01 -10.09
CA ILE A 47 -3.91 0.40 -9.91
C ILE A 47 -2.71 1.22 -9.45
N CYS A 48 -1.59 0.57 -9.17
CA CYS A 48 -0.40 1.29 -8.78
C CYS A 48 0.19 1.96 -10.01
N GLY A 49 0.30 3.27 -9.94
CA GLY A 49 0.81 4.04 -11.06
C GLY A 49 -0.23 4.19 -12.15
N GLN A 50 -1.49 4.03 -11.75
CA GLN A 50 -2.63 4.16 -12.65
C GLN A 50 -2.58 5.49 -13.40
N SER A 51 -2.28 5.41 -14.69
CA SER A 51 -2.14 6.60 -15.51
C SER A 51 -2.58 6.32 -16.94
N ALA A 52 -3.14 7.34 -17.58
CA ALA A 52 -3.58 7.21 -18.96
C ALA A 52 -2.66 8.02 -19.87
ZN ZN B . 0.02 -3.62 8.12
ZN ZN C . 0.49 1.48 -5.05
N SER A 11 -5.72 3.82 9.34
CA SER A 11 -4.37 3.34 9.47
C SER A 11 -4.05 2.42 8.30
N CYS A 12 -3.31 1.34 8.58
CA CYS A 12 -3.04 0.33 7.56
C CYS A 12 -4.38 -0.13 6.98
N VAL A 13 -4.44 -0.19 5.66
CA VAL A 13 -5.64 -0.64 4.97
C VAL A 13 -5.73 -2.18 5.05
N ASN A 14 -5.01 -2.74 6.01
CA ASN A 14 -4.94 -4.19 6.15
C ASN A 14 -4.76 -4.65 7.61
N CYS A 15 -3.98 -3.93 8.42
CA CYS A 15 -3.74 -4.40 9.79
C CYS A 15 -3.87 -3.32 10.86
N GLY A 16 -2.74 -2.73 11.25
CA GLY A 16 -2.68 -1.98 12.49
C GLY A 16 -2.22 -0.55 12.38
N ARG A 17 -0.90 -0.38 12.43
CA ARG A 17 -0.25 0.94 12.51
C ARG A 17 -0.80 1.93 11.50
N GLU A 18 -0.65 3.21 11.81
CA GLU A 18 -1.13 4.29 10.96
C GLU A 18 -0.22 4.51 9.76
N ALA A 19 0.58 3.48 9.45
CA ALA A 19 1.45 3.44 8.28
C ALA A 19 2.71 4.27 8.47
N MET A 20 3.79 3.78 7.88
CA MET A 20 5.06 4.49 7.90
C MET A 20 5.14 5.37 6.68
N SER A 21 5.15 4.72 5.52
CA SER A 21 5.07 5.40 4.25
C SER A 21 3.80 4.99 3.50
N GLU A 22 3.56 5.68 2.41
CA GLU A 22 2.51 5.29 1.49
C GLU A 22 3.09 4.32 0.47
N CYS A 23 2.25 3.48 -0.13
CA CYS A 23 2.69 2.51 -1.15
C CYS A 23 3.69 3.16 -2.09
N THR A 24 4.93 2.72 -2.05
CA THR A 24 6.02 3.41 -2.73
C THR A 24 5.86 3.39 -4.25
N GLY A 25 4.85 2.69 -4.73
CA GLY A 25 4.60 2.64 -6.15
C GLY A 25 3.66 3.75 -6.60
N CYS A 26 2.99 4.40 -5.66
CA CYS A 26 1.99 5.41 -6.02
C CYS A 26 1.75 6.39 -4.88
N HIS A 27 1.77 5.86 -3.66
CA HIS A 27 1.43 6.56 -2.43
C HIS A 27 -0.06 6.90 -2.41
N LYS A 28 -0.83 6.11 -3.15
CA LYS A 28 -2.29 6.29 -3.21
C LYS A 28 -2.97 5.58 -2.04
N VAL A 29 -2.21 4.77 -1.33
CA VAL A 29 -2.71 3.98 -0.21
C VAL A 29 -1.58 3.84 0.79
N ASN A 30 -1.86 3.26 1.95
CA ASN A 30 -0.84 3.13 2.98
C ASN A 30 -1.01 1.86 3.78
N TYR A 31 0.10 1.34 4.28
CA TYR A 31 0.08 0.12 5.06
C TYR A 31 0.97 0.25 6.28
N CYS A 32 0.62 -0.41 7.37
CA CYS A 32 1.34 -0.30 8.62
C CYS A 32 2.82 -0.66 8.43
N SER A 33 3.05 -1.77 7.77
CA SER A 33 4.40 -2.25 7.51
C SER A 33 4.59 -2.51 6.01
N THR A 34 5.76 -2.98 5.63
CA THR A 34 6.05 -3.27 4.23
C THR A 34 5.28 -4.49 3.72
N PHE A 35 5.12 -5.51 4.56
CA PHE A 35 4.57 -6.79 4.11
C PHE A 35 3.17 -6.64 3.51
N CYS A 36 2.32 -5.84 4.15
CA CYS A 36 0.97 -5.66 3.65
C CYS A 36 0.97 -4.94 2.31
N GLN A 37 1.92 -4.03 2.16
CA GLN A 37 2.00 -3.22 0.96
C GLN A 37 2.26 -4.08 -0.24
N ARG A 38 3.16 -5.04 -0.08
CA ARG A 38 3.50 -5.98 -1.14
C ARG A 38 2.44 -7.07 -1.31
N LYS A 39 2.00 -7.66 -0.20
CA LYS A 39 1.01 -8.74 -0.24
C LYS A 39 -0.26 -8.29 -0.95
N ASP A 40 -0.86 -7.23 -0.42
CA ASP A 40 -2.12 -6.72 -0.91
C ASP A 40 -2.02 -6.18 -2.32
N TRP A 41 -0.83 -5.80 -2.70
CA TRP A 41 -0.61 -5.19 -3.99
C TRP A 41 -0.71 -6.23 -5.10
N LYS A 42 -0.83 -7.50 -4.75
CA LYS A 42 -1.03 -8.49 -5.79
C LYS A 42 -2.40 -8.28 -6.43
N ASP A 43 -3.23 -7.52 -5.74
CA ASP A 43 -4.46 -6.99 -6.30
C ASP A 43 -4.29 -5.50 -6.60
N HIS A 44 -3.62 -4.79 -5.70
CA HIS A 44 -3.37 -3.36 -5.84
C HIS A 44 -2.51 -2.99 -7.09
N GLN A 45 -1.67 -3.92 -7.56
CA GLN A 45 -0.87 -3.73 -8.78
C GLN A 45 -1.71 -3.14 -9.92
N HIS A 46 -3.01 -3.45 -9.91
CA HIS A 46 -3.93 -2.98 -10.92
C HIS A 46 -4.19 -1.49 -10.80
N ILE A 47 -4.01 -0.93 -9.61
CA ILE A 47 -4.43 0.43 -9.34
C ILE A 47 -3.25 1.30 -8.94
N CYS A 48 -2.05 0.72 -8.99
CA CYS A 48 -0.86 1.45 -8.64
C CYS A 48 -0.45 2.35 -9.81
N GLY A 49 -0.30 3.63 -9.51
CA GLY A 49 0.10 4.60 -10.51
C GLY A 49 1.47 4.33 -11.10
N GLN A 50 2.26 3.49 -10.42
CA GLN A 50 3.58 3.10 -10.89
C GLN A 50 4.49 4.32 -11.04
N SER A 51 4.51 5.15 -9.99
CA SER A 51 5.38 6.32 -9.92
C SER A 51 5.16 7.28 -11.08
N ALA A 52 3.99 7.92 -11.08
CA ALA A 52 3.66 8.91 -12.08
C ALA A 52 3.75 10.30 -11.48
ZN ZN B . -0.33 -3.68 7.72
ZN ZN C . 0.49 1.58 -5.15
N SER A 11 -5.73 3.13 9.45
CA SER A 11 -4.32 2.96 9.72
C SER A 11 -3.66 2.19 8.59
N CYS A 12 -3.57 0.89 8.75
CA CYS A 12 -3.14 0.01 7.68
C CYS A 12 -4.36 -0.49 6.94
N VAL A 13 -4.33 -0.42 5.62
CA VAL A 13 -5.44 -0.91 4.80
C VAL A 13 -5.34 -2.44 4.66
N ASN A 14 -4.47 -3.05 5.45
CA ASN A 14 -4.25 -4.48 5.38
C ASN A 14 -4.28 -5.12 6.77
N CYS A 15 -3.71 -4.44 7.76
CA CYS A 15 -3.77 -4.92 9.14
C CYS A 15 -4.43 -3.88 10.03
N GLY A 16 -3.59 -3.07 10.69
CA GLY A 16 -4.12 -1.94 11.41
C GLY A 16 -3.16 -1.35 12.42
N ARG A 17 -1.95 -1.04 11.99
CA ARG A 17 -1.11 -0.12 12.73
C ARG A 17 -1.13 1.20 11.97
N GLU A 18 -0.78 2.29 12.63
CA GLU A 18 -1.11 3.65 12.16
C GLU A 18 -0.48 4.08 10.82
N ALA A 19 0.12 3.13 10.10
CA ALA A 19 0.78 3.40 8.81
C ALA A 19 2.02 4.27 8.97
N MET A 20 3.03 3.98 8.18
CA MET A 20 4.27 4.75 8.22
C MET A 20 4.46 5.49 6.91
N SER A 21 4.68 4.74 5.84
CA SER A 21 4.78 5.34 4.51
C SER A 21 3.68 4.81 3.60
N GLU A 22 3.61 5.42 2.43
CA GLU A 22 2.64 5.05 1.43
C GLU A 22 3.28 4.12 0.40
N CYS A 23 2.46 3.28 -0.25
CA CYS A 23 2.91 2.37 -1.29
C CYS A 23 3.92 3.04 -2.22
N THR A 24 5.15 2.59 -2.19
CA THR A 24 6.25 3.26 -2.88
C THR A 24 6.11 3.19 -4.41
N GLY A 25 5.00 2.65 -4.90
CA GLY A 25 4.75 2.65 -6.32
C GLY A 25 3.84 3.79 -6.75
N CYS A 26 3.18 4.42 -5.79
CA CYS A 26 2.20 5.45 -6.11
C CYS A 26 1.97 6.40 -4.93
N HIS A 27 2.05 5.83 -3.73
CA HIS A 27 1.71 6.51 -2.48
C HIS A 27 0.24 6.94 -2.51
N LYS A 28 -0.58 6.14 -3.19
CA LYS A 28 -2.02 6.37 -3.26
C LYS A 28 -2.73 5.65 -2.12
N VAL A 29 -1.99 4.80 -1.42
CA VAL A 29 -2.50 4.02 -0.30
C VAL A 29 -1.37 3.88 0.70
N ASN A 30 -1.67 3.44 1.91
CA ASN A 30 -0.64 3.33 2.94
C ASN A 30 -0.90 2.12 3.82
N TYR A 31 0.17 1.57 4.36
CA TYR A 31 0.07 0.36 5.16
C TYR A 31 0.95 0.46 6.39
N CYS A 32 0.64 -0.32 7.41
CA CYS A 32 1.35 -0.23 8.67
C CYS A 32 2.81 -0.63 8.49
N SER A 33 3.02 -1.68 7.72
CA SER A 33 4.34 -2.20 7.45
C SER A 33 4.60 -2.32 5.94
N THR A 34 5.80 -2.74 5.56
CA THR A 34 6.14 -2.95 4.17
C THR A 34 5.45 -4.18 3.58
N PHE A 35 5.40 -5.27 4.35
CA PHE A 35 4.85 -6.53 3.84
C PHE A 35 3.41 -6.36 3.38
N CYS A 36 2.65 -5.50 4.07
CA CYS A 36 1.28 -5.23 3.69
C CYS A 36 1.20 -4.66 2.29
N GLN A 37 2.13 -3.76 1.97
CA GLN A 37 2.14 -3.09 0.69
C GLN A 37 2.29 -4.13 -0.41
N ARG A 38 3.18 -5.07 -0.16
CA ARG A 38 3.49 -6.14 -1.11
C ARG A 38 2.37 -7.19 -1.16
N LYS A 39 1.93 -7.62 0.03
CA LYS A 39 0.90 -8.65 0.16
C LYS A 39 -0.39 -8.23 -0.51
N ASP A 40 -0.89 -7.07 -0.11
CA ASP A 40 -2.14 -6.52 -0.60
C ASP A 40 -2.08 -6.23 -2.08
N TRP A 41 -0.89 -5.84 -2.54
CA TRP A 41 -0.72 -5.30 -3.86
C TRP A 41 -1.04 -6.31 -4.97
N LYS A 42 -1.24 -7.56 -4.61
CA LYS A 42 -1.67 -8.54 -5.60
C LYS A 42 -3.05 -8.14 -6.15
N ASP A 43 -3.74 -7.32 -5.37
CA ASP A 43 -4.97 -6.66 -5.81
C ASP A 43 -4.66 -5.23 -6.23
N HIS A 44 -3.86 -4.56 -5.41
CA HIS A 44 -3.49 -3.16 -5.63
C HIS A 44 -2.71 -2.92 -6.94
N GLN A 45 -1.92 -3.90 -7.39
CA GLN A 45 -1.11 -3.77 -8.62
C GLN A 45 -1.90 -3.21 -9.78
N HIS A 46 -3.19 -3.50 -9.80
CA HIS A 46 -4.07 -3.07 -10.88
C HIS A 46 -4.34 -1.57 -10.83
N ILE A 47 -4.06 -0.94 -9.69
CA ILE A 47 -4.38 0.48 -9.52
C ILE A 47 -3.12 1.30 -9.23
N CYS A 48 -1.97 0.65 -9.17
CA CYS A 48 -0.74 1.34 -8.89
C CYS A 48 -0.24 2.06 -10.12
N GLY A 49 -0.13 3.37 -10.03
CA GLY A 49 0.37 4.17 -11.12
C GLY A 49 -0.74 4.57 -12.08
N GLN A 50 -1.58 3.61 -12.43
CA GLN A 50 -2.69 3.84 -13.35
C GLN A 50 -3.73 4.76 -12.70
N SER A 51 -3.71 6.02 -13.10
CA SER A 51 -4.61 7.01 -12.53
C SER A 51 -5.14 7.93 -13.63
N ALA A 52 -6.41 8.25 -13.56
CA ALA A 52 -7.04 9.15 -14.52
C ALA A 52 -8.22 9.87 -13.89
ZN ZN B . -0.08 -3.76 7.82
ZN ZN C . 0.66 1.58 -5.30
N SER A 11 -6.01 3.57 7.88
CA SER A 11 -4.76 3.20 8.49
C SER A 11 -4.17 2.13 7.61
N CYS A 12 -3.35 1.25 8.14
CA CYS A 12 -2.98 0.08 7.38
C CYS A 12 -4.26 -0.61 6.93
N VAL A 13 -4.51 -0.57 5.63
CA VAL A 13 -5.68 -1.20 5.05
C VAL A 13 -5.53 -2.72 5.18
N ASN A 14 -4.38 -3.15 5.69
CA ASN A 14 -4.07 -4.56 5.81
C ASN A 14 -4.14 -5.04 7.27
N CYS A 15 -3.59 -4.26 8.22
CA CYS A 15 -3.57 -4.71 9.61
C CYS A 15 -3.92 -3.61 10.63
N GLY A 16 -2.93 -2.79 10.98
CA GLY A 16 -3.01 -2.03 12.22
C GLY A 16 -3.04 -0.53 12.08
N ARG A 17 -1.95 0.09 12.55
CA ARG A 17 -1.86 1.54 12.71
C ARG A 17 -1.88 2.26 11.37
N GLU A 18 -1.78 3.59 11.40
CA GLU A 18 -2.06 4.41 10.22
C GLU A 18 -1.18 4.01 9.04
N ALA A 19 0.12 3.92 9.27
CA ALA A 19 1.10 3.58 8.24
C ALA A 19 2.50 3.99 8.65
N MET A 20 3.48 3.48 7.92
CA MET A 20 4.82 4.02 7.98
C MET A 20 5.06 4.81 6.70
N SER A 21 4.98 4.11 5.58
CA SER A 21 5.00 4.75 4.27
C SER A 21 3.70 4.46 3.52
N GLU A 22 3.54 5.15 2.41
CA GLU A 22 2.46 4.87 1.48
C GLU A 22 3.01 4.07 0.31
N CYS A 23 2.14 3.33 -0.38
CA CYS A 23 2.55 2.44 -1.48
C CYS A 23 3.63 3.07 -2.33
N THR A 24 4.85 2.55 -2.24
CA THR A 24 6.01 3.19 -2.83
C THR A 24 5.94 3.30 -4.35
N GLY A 25 4.86 2.83 -4.94
CA GLY A 25 4.68 2.96 -6.38
C GLY A 25 3.77 4.12 -6.76
N CYS A 26 3.08 4.70 -5.76
CA CYS A 26 2.10 5.75 -6.04
C CYS A 26 1.78 6.56 -4.78
N HIS A 27 1.79 5.85 -3.66
CA HIS A 27 1.43 6.37 -2.33
C HIS A 27 -0.06 6.73 -2.29
N LYS A 28 -0.87 5.98 -3.03
CA LYS A 28 -2.32 6.17 -3.03
C LYS A 28 -2.97 5.39 -1.89
N VAL A 29 -2.20 4.51 -1.26
CA VAL A 29 -2.70 3.64 -0.20
C VAL A 29 -1.61 3.54 0.85
N ASN A 30 -1.95 3.17 2.07
CA ASN A 30 -0.99 3.20 3.14
C ASN A 30 -1.09 1.98 4.02
N TYR A 31 0.05 1.55 4.52
CA TYR A 31 0.16 0.29 5.24
C TYR A 31 1.07 0.47 6.45
N CYS A 32 0.77 -0.28 7.51
CA CYS A 32 1.46 -0.15 8.78
C CYS A 32 2.90 -0.66 8.68
N SER A 33 3.08 -1.72 7.91
CA SER A 33 4.42 -2.24 7.65
C SER A 33 4.67 -2.39 6.15
N THR A 34 5.86 -2.82 5.78
CA THR A 34 6.20 -3.02 4.37
C THR A 34 5.48 -4.24 3.77
N PHE A 35 5.40 -5.33 4.53
CA PHE A 35 4.80 -6.56 4.01
C PHE A 35 3.37 -6.33 3.59
N CYS A 36 2.67 -5.45 4.30
CA CYS A 36 1.30 -5.11 3.99
C CYS A 36 1.18 -4.59 2.57
N GLN A 37 2.09 -3.68 2.23
CA GLN A 37 2.07 -3.00 0.95
C GLN A 37 2.25 -4.01 -0.15
N ARG A 38 3.19 -4.91 0.06
CA ARG A 38 3.55 -5.89 -0.94
C ARG A 38 2.50 -7.00 -1.06
N LYS A 39 1.86 -7.34 0.06
CA LYS A 39 0.89 -8.43 0.10
C LYS A 39 -0.46 -8.01 -0.48
N ASP A 40 -1.01 -6.92 0.02
CA ASP A 40 -2.33 -6.46 -0.40
C ASP A 40 -2.32 -6.02 -1.84
N TRP A 41 -1.16 -5.58 -2.30
CA TRP A 41 -1.05 -4.96 -3.60
C TRP A 41 -1.21 -5.95 -4.75
N LYS A 42 -1.43 -7.23 -4.45
CA LYS A 42 -1.73 -8.19 -5.51
C LYS A 42 -3.00 -7.74 -6.22
N ASP A 43 -3.85 -7.05 -5.47
CA ASP A 43 -5.05 -6.41 -5.98
C ASP A 43 -4.71 -5.03 -6.54
N HIS A 44 -3.92 -4.31 -5.77
CA HIS A 44 -3.55 -2.93 -6.08
C HIS A 44 -2.63 -2.79 -7.32
N GLN A 45 -1.77 -3.77 -7.58
CA GLN A 45 -0.79 -3.73 -8.68
C GLN A 45 -1.46 -3.36 -10.02
N HIS A 46 -2.74 -3.64 -10.13
CA HIS A 46 -3.49 -3.39 -11.34
C HIS A 46 -3.78 -1.90 -11.51
N ILE A 47 -3.65 -1.13 -10.43
CA ILE A 47 -4.06 0.27 -10.46
C ILE A 47 -2.90 1.18 -10.13
N CYS A 48 -1.77 0.60 -9.73
CA CYS A 48 -0.62 1.39 -9.34
C CYS A 48 -0.01 2.04 -10.56
N GLY A 49 0.55 3.20 -10.33
CA GLY A 49 1.22 3.94 -11.38
C GLY A 49 0.30 4.92 -12.06
N GLN A 50 -0.97 4.56 -12.15
CA GLN A 50 -1.97 5.40 -12.80
C GLN A 50 -2.24 6.64 -11.95
N SER A 51 -1.89 7.79 -12.49
CA SER A 51 -2.23 9.06 -11.86
C SER A 51 -3.24 9.81 -12.71
N ALA A 52 -3.66 9.16 -13.79
CA ALA A 52 -4.65 9.72 -14.69
C ALA A 52 -5.45 8.61 -15.33
ZN ZN B . -0.05 -3.67 8.07
ZN ZN C . 0.43 1.89 -5.61
#